data_7SH4
#
_entry.id   7SH4
#
_cell.length_a   42.225
_cell.length_b   89.790
_cell.length_c   105.160
_cell.angle_alpha   90.000
_cell.angle_beta   90.000
_cell.angle_gamma   90.000
#
_symmetry.space_group_name_H-M   'P 21 21 21'
#
loop_
_entity.id
_entity.type
_entity.pdbx_description
1 polymer 'T-cell surface glycoprotein CD1a'
2 polymer Beta-2-microglobulin
3 non-polymer 2-acetamido-2-deoxy-beta-D-glucopyranose
4 non-polymer '(21R,24R,27S)-24,27,28-trihydroxy-18,24-dioxo-19,23,25-trioxa-24lambda~5~-phosphaoctacosan-21-yl (9Z)-octadec-9-enoate'
5 non-polymer 1,2-ETHANEDIOL
6 non-polymer '2-(N-MORPHOLINO)-ETHANESULFONIC ACID'
7 non-polymer DI(HYDROXYETHYL)ETHER
8 water water
#
loop_
_entity_poly.entity_id
_entity_poly.type
_entity_poly.pdbx_seq_one_letter_code
_entity_poly.pdbx_strand_id
1 'polypeptide(L)'
;ATGLKEPLSFHVIWIASFYNHSWKQNLVSGWLSDLQTHTWDSNSSTIVFLWPWSRGNFSNEEWKELETLFRIRTIRSFEG
IRRYAHELQFEYPFEIQVTGGCELHSGKVSGSFLQLAYQGSDFVSFQNNSWLPYPVAGNMAKHFCKVLNQNQHENDITHN
LLSDTCPRFILGLLDAGKAHLQRQVKPEAWLSHGPSPGPGHLQLVCHVSGFYPKPVWVMWMRGEQEQQGTQRGDILPSAD
GTWYLRATLEVAAGEAADLSCRVKHSSLEGQDIVLYWEGSLVPRG
;
A
2 'polypeptide(L)'
;GIQRTPKIQVYSRHPAENGKSNFLNCYVSGFHPSDIEVDLLKNGERIEKVEHSDLSFSKDWSFYLLYYTEFTPTEKDEYA
CRVNHVTLSQPKIVKWDRDMGSLVPRGS
;
B
#
loop_
_chem_comp.id
_chem_comp.type
_chem_comp.name
_chem_comp.formula
EDO non-polymer 1,2-ETHANEDIOL 'C2 H6 O2'
MES non-polymer '2-(N-MORPHOLINO)-ETHANESULFONIC ACID' 'C6 H13 N O4 S'
MW9 non-polymer '(21R,24R,27S)-24,27,28-trihydroxy-18,24-dioxo-19,23,25-trioxa-24lambda~5~-phosphaoctacosan-21-yl (9Z)-octadec-9-enoate' 'C42 H81 O10 P'
NAG D-saccharide, beta linking 2-acetamido-2-deoxy-beta-D-glucopyranose 'C8 H15 N O6'
PEG non-polymer DI(HYDROXYETHYL)ETHER 'C4 H10 O3'
#
# COMPACT_ATOMS: atom_id res chain seq x y z
N SER A 9 9.69 14.78 -4.01
CA SER A 9 9.56 14.01 -2.76
C SER A 9 10.16 12.61 -2.89
N PHE A 10 11.07 12.27 -1.97
CA PHE A 10 11.66 10.95 -1.89
C PHE A 10 11.87 10.57 -0.44
N HIS A 11 11.60 9.31 -0.09
CA HIS A 11 11.89 8.88 1.27
C HIS A 11 12.26 7.40 1.30
N VAL A 12 12.89 7.01 2.40
CA VAL A 12 13.33 5.64 2.65
C VAL A 12 12.64 5.17 3.92
N ILE A 13 12.20 3.91 3.93
CA ILE A 13 11.57 3.33 5.11
C ILE A 13 12.37 2.11 5.53
N TRP A 14 12.48 1.93 6.84
CA TRP A 14 13.11 0.78 7.46
C TRP A 14 12.08 0.10 8.34
N ILE A 15 11.95 -1.22 8.21
CA ILE A 15 11.15 -2.02 9.12
C ILE A 15 12.11 -3.01 9.78
N ALA A 16 12.39 -2.81 11.06
CA ALA A 16 13.33 -3.64 11.80
C ALA A 16 12.56 -4.40 12.87
N SER A 17 12.44 -5.71 12.71
CA SER A 17 11.68 -6.53 13.62
C SER A 17 12.65 -7.27 14.53
N PHE A 18 12.53 -7.02 15.83
CA PHE A 18 13.35 -7.69 16.85
C PHE A 18 12.50 -8.74 17.53
N TYR A 19 12.61 -9.99 17.07
CA TYR A 19 11.77 -11.06 17.62
C TYR A 19 12.31 -11.57 18.96
N ASN A 20 13.62 -11.75 19.06
CA ASN A 20 14.29 -11.99 20.33
C ASN A 20 15.71 -11.46 20.18
N HIS A 21 16.56 -11.72 21.18
CA HIS A 21 17.93 -11.23 21.07
C HIS A 21 18.65 -11.82 19.88
N SER A 22 18.30 -13.07 19.50
CA SER A 22 19.03 -13.78 18.46
C SER A 22 18.34 -13.75 17.09
N TRP A 23 17.21 -13.07 16.95
CA TRP A 23 16.46 -13.16 15.70
C TRP A 23 15.91 -11.79 15.31
N LYS A 24 16.18 -11.39 14.09
CA LYS A 24 15.77 -10.08 13.60
C LYS A 24 15.40 -10.19 12.13
N GLN A 25 14.68 -9.19 11.65
CA GLN A 25 14.43 -9.00 10.23
C GLN A 25 14.55 -7.50 9.94
N ASN A 26 15.18 -7.17 8.81
CA ASN A 26 15.39 -5.79 8.40
C ASN A 26 14.93 -5.64 6.96
N LEU A 27 13.89 -4.83 6.74
CA LEU A 27 13.36 -4.56 5.43
C LEU A 27 13.50 -3.07 5.13
N VAL A 28 14.08 -2.74 3.98
CA VAL A 28 14.36 -1.36 3.62
C VAL A 28 13.88 -1.12 2.19
N SER A 29 13.23 0.03 1.96
CA SER A 29 12.82 0.37 0.61
C SER A 29 12.84 1.88 0.43
N GLY A 30 13.01 2.31 -0.81
CA GLY A 30 13.00 3.72 -1.16
C GLY A 30 11.81 4.02 -2.04
N TRP A 31 11.33 5.26 -1.96
CA TRP A 31 10.06 5.66 -2.56
C TRP A 31 10.21 7.05 -3.17
N LEU A 32 9.95 7.16 -4.47
CA LEU A 32 9.82 8.45 -5.14
C LEU A 32 8.34 8.75 -5.28
N SER A 33 7.89 9.85 -4.68
CA SER A 33 6.46 10.11 -4.47
C SER A 33 5.89 8.85 -3.77
N ASP A 34 4.83 8.24 -4.30
CA ASP A 34 4.26 7.02 -3.74
C ASP A 34 4.72 5.78 -4.50
N LEU A 35 5.69 5.92 -5.39
CA LEU A 35 6.21 4.84 -6.21
C LEU A 35 7.42 4.21 -5.51
N GLN A 36 7.46 2.88 -5.44
CA GLN A 36 8.64 2.21 -4.92
C GLN A 36 9.73 2.21 -5.98
N THR A 37 10.94 2.61 -5.58
CA THR A 37 12.04 2.75 -6.51
C THR A 37 13.28 1.95 -6.14
N HIS A 38 13.43 1.58 -4.87
CA HIS A 38 14.61 0.89 -4.37
C HIS A 38 14.20 -0.14 -3.33
N THR A 39 14.97 -1.22 -3.25
CA THR A 39 14.86 -2.18 -2.17
C THR A 39 16.27 -2.51 -1.68
N TRP A 40 16.35 -3.01 -0.46
CA TRP A 40 17.61 -3.45 0.12
C TRP A 40 17.65 -4.97 0.16
N ASP A 41 18.76 -5.55 -0.28
CA ASP A 41 18.98 -6.99 -0.17
C ASP A 41 19.74 -7.26 1.12
N SER A 42 19.06 -7.83 2.12
CA SER A 42 19.70 -8.08 3.40
C SER A 42 20.92 -8.96 3.25
N ASN A 43 20.79 -10.04 2.47
CA ASN A 43 21.96 -10.78 2.02
C ASN A 43 22.72 -9.93 1.02
N SER A 44 24.05 -9.98 1.10
CA SER A 44 24.97 -9.30 0.18
C SER A 44 24.97 -7.79 0.39
N SER A 45 24.06 -7.27 1.22
CA SER A 45 23.98 -5.86 1.57
C SER A 45 24.10 -4.97 0.32
N THR A 46 23.07 -5.08 -0.53
CA THR A 46 23.05 -4.41 -1.82
C THR A 46 21.78 -3.59 -1.98
N ILE A 47 21.93 -2.38 -2.52
CA ILE A 47 20.79 -1.57 -2.94
C ILE A 47 20.31 -2.05 -4.29
N VAL A 48 19.02 -2.35 -4.40
CA VAL A 48 18.44 -2.89 -5.62
C VAL A 48 17.61 -1.80 -6.30
N PHE A 49 17.86 -1.60 -7.58
CA PHE A 49 17.22 -0.53 -8.35
C PHE A 49 16.03 -1.09 -9.12
N LEU A 50 14.82 -0.74 -8.67
CA LEU A 50 13.62 -1.31 -9.26
C LEU A 50 13.39 -0.85 -10.68
N TRP A 51 13.93 0.31 -11.06
CA TRP A 51 13.79 0.87 -12.39
C TRP A 51 15.18 1.22 -12.91
N PRO A 52 15.37 1.27 -14.23
CA PRO A 52 16.65 1.75 -14.74
C PRO A 52 16.97 3.16 -14.29
N TRP A 53 15.97 4.03 -14.17
CA TRP A 53 16.19 5.38 -13.69
C TRP A 53 16.27 5.49 -12.17
N SER A 54 16.19 4.36 -11.44
CA SER A 54 16.33 4.41 -9.98
C SER A 54 17.72 4.81 -9.53
N ARG A 55 18.74 4.52 -10.34
CA ARG A 55 20.11 4.90 -10.01
C ARG A 55 20.28 6.41 -10.04
N GLY A 56 19.23 7.11 -10.45
CA GLY A 56 19.32 8.54 -10.64
C GLY A 56 20.40 8.83 -11.65
N ASN A 57 21.47 9.47 -11.15
CA ASN A 57 22.60 9.83 -11.98
C ASN A 57 23.89 9.66 -11.19
N PHE A 58 23.81 9.14 -9.97
CA PHE A 58 24.99 8.87 -9.17
C PHE A 58 25.79 7.71 -9.76
N SER A 59 27.11 7.77 -9.58
CA SER A 59 28.00 6.77 -10.13
C SER A 59 27.93 5.48 -9.33
N ASN A 60 28.43 4.40 -9.95
CA ASN A 60 28.47 3.10 -9.28
C ASN A 60 29.32 3.17 -8.02
N GLU A 61 30.40 3.96 -8.05
CA GLU A 61 31.24 4.14 -6.88
C GLU A 61 30.50 4.86 -5.76
N GLU A 62 29.72 5.88 -6.10
CA GLU A 62 28.96 6.61 -5.09
C GLU A 62 27.90 5.72 -4.45
N TRP A 63 27.28 4.85 -5.24
CA TRP A 63 26.32 3.91 -4.65
C TRP A 63 27.00 2.92 -3.73
N LYS A 64 28.24 2.53 -4.06
CA LYS A 64 28.99 1.67 -3.15
C LYS A 64 29.27 2.37 -1.83
N GLU A 65 29.63 3.65 -1.87
CA GLU A 65 29.79 4.42 -0.64
C GLU A 65 28.48 4.48 0.14
N LEU A 66 27.36 4.73 -0.56
CA LEU A 66 26.08 4.75 0.11
C LEU A 66 25.74 3.39 0.69
N GLU A 67 26.03 2.31 -0.05
CA GLU A 67 25.77 0.97 0.47
C GLU A 67 26.60 0.72 1.72
N THR A 68 27.89 1.07 1.68
CA THR A 68 28.75 0.88 2.84
C THR A 68 28.25 1.68 4.03
N LEU A 69 27.85 2.94 3.80
CA LEU A 69 27.35 3.77 4.89
C LEU A 69 26.13 3.14 5.55
N PHE A 70 25.15 2.75 4.74
CA PHE A 70 23.96 2.13 5.31
C PHE A 70 24.29 0.79 5.95
N ARG A 71 25.21 0.02 5.34
CA ARG A 71 25.57 -1.27 5.89
C ARG A 71 26.15 -1.13 7.30
N ILE A 72 27.10 -0.22 7.48
CA ILE A 72 27.71 -0.03 8.79
C ILE A 72 26.70 0.52 9.79
N ARG A 73 25.88 1.48 9.37
CA ARG A 73 24.87 2.02 10.26
C ARG A 73 23.84 0.96 10.64
N THR A 74 23.53 0.05 9.74
CA THR A 74 22.60 -1.03 10.06
C THR A 74 23.19 -1.99 11.09
N ILE A 75 24.46 -2.35 10.93
CA ILE A 75 25.08 -3.29 11.86
C ILE A 75 25.12 -2.71 13.27
N ARG A 76 25.54 -1.45 13.39
CA ARG A 76 25.64 -0.89 14.73
C ARG A 76 24.30 -0.41 15.26
N SER A 77 23.30 -0.22 14.41
CA SER A 77 21.97 0.08 14.91
C SER A 77 21.35 -1.13 15.60
N PHE A 78 21.40 -2.30 14.94
CA PHE A 78 20.86 -3.50 15.56
C PHE A 78 21.64 -3.87 16.81
N GLU A 79 22.97 -3.76 16.75
CA GLU A 79 23.78 -4.04 17.93
C GLU A 79 23.49 -3.04 19.04
N GLY A 80 23.32 -1.76 18.68
CA GLY A 80 23.06 -0.75 19.69
C GLY A 80 21.75 -0.98 20.41
N ILE A 81 20.71 -1.33 19.65
CA ILE A 81 19.40 -1.60 20.24
C ILE A 81 19.46 -2.80 21.17
N ARG A 82 20.13 -3.86 20.74
CA ARG A 82 20.21 -5.04 21.60
C ARG A 82 21.05 -4.76 22.84
N ARG A 83 22.09 -3.94 22.69
CA ARG A 83 22.89 -3.55 23.86
C ARG A 83 22.05 -2.77 24.86
N TYR A 84 21.21 -1.86 24.37
CA TYR A 84 20.49 -0.94 25.24
C TYR A 84 19.03 -1.32 25.44
N ALA A 85 18.58 -2.45 24.89
CA ALA A 85 17.16 -2.81 24.95
C ALA A 85 16.64 -2.82 26.39
N HIS A 86 17.39 -3.44 27.30
CA HIS A 86 16.88 -3.54 28.66
C HIS A 86 16.82 -2.18 29.34
N GLU A 87 17.84 -1.34 29.15
CA GLU A 87 17.79 0.01 29.72
C GLU A 87 16.61 0.78 29.15
N LEU A 88 16.32 0.62 27.87
CA LEU A 88 15.22 1.31 27.22
C LEU A 88 13.87 0.66 27.48
N GLN A 89 13.84 -0.45 28.22
CA GLN A 89 12.61 -1.19 28.50
C GLN A 89 11.96 -1.70 27.21
N PHE A 90 12.78 -2.02 26.21
CA PHE A 90 12.30 -2.66 25.00
C PHE A 90 12.15 -4.16 25.26
N GLU A 91 10.92 -4.67 25.19
CA GLU A 91 10.64 -6.06 25.48
C GLU A 91 10.44 -6.83 24.18
N TYR A 92 11.23 -7.88 23.99
CA TYR A 92 11.04 -8.72 22.83
C TYR A 92 9.69 -9.40 22.91
N PRO A 93 8.96 -9.52 21.78
CA PRO A 93 9.37 -8.99 20.48
C PRO A 93 8.90 -7.55 20.27
N PHE A 94 9.65 -6.77 19.48
CA PHE A 94 9.21 -5.42 19.20
C PHE A 94 9.65 -5.04 17.80
N GLU A 95 9.03 -4.01 17.26
CA GLU A 95 9.33 -3.56 15.91
C GLU A 95 9.66 -2.08 15.95
N ILE A 96 10.72 -1.70 15.24
CA ILE A 96 11.08 -0.30 15.09
C ILE A 96 10.91 0.06 13.63
N GLN A 97 10.24 1.15 13.37
CA GLN A 97 10.04 1.63 12.01
C GLN A 97 10.63 3.03 11.90
N VAL A 98 11.28 3.29 10.77
CA VAL A 98 11.91 4.56 10.51
C VAL A 98 11.47 5.01 9.12
N THR A 99 11.14 6.29 8.98
CA THR A 99 10.96 6.88 7.66
C THR A 99 11.69 8.21 7.60
N GLY A 100 12.49 8.40 6.56
CA GLY A 100 13.20 9.64 6.38
C GLY A 100 13.32 9.98 4.91
N GLY A 101 13.29 11.28 4.64
CA GLY A 101 13.34 11.73 3.27
C GLY A 101 13.24 13.23 3.17
N CYS A 102 12.87 13.71 1.99
CA CYS A 102 12.87 15.14 1.72
C CYS A 102 11.89 15.43 0.60
N GLU A 103 11.83 16.72 0.22
CA GLU A 103 11.12 17.20 -0.95
C GLU A 103 11.99 18.23 -1.65
N LEU A 104 12.10 18.13 -2.97
CA LEU A 104 12.91 19.07 -3.73
C LEU A 104 12.19 20.42 -3.83
N HIS A 105 12.98 21.46 -4.09
CA HIS A 105 12.52 22.85 -4.06
C HIS A 105 11.98 23.18 -2.66
N GLY A 111 11.95 20.37 2.99
CA GLY A 111 11.02 19.45 3.63
C GLY A 111 11.64 18.20 4.21
N SER A 112 12.80 18.34 4.85
CA SER A 112 13.46 17.20 5.46
C SER A 112 12.62 16.62 6.58
N PHE A 113 12.69 15.30 6.75
CA PHE A 113 12.06 14.65 7.88
C PHE A 113 12.74 13.31 8.13
N LEU A 114 12.71 12.89 9.38
CA LEU A 114 13.24 11.59 9.78
C LEU A 114 12.55 11.22 11.08
N GLN A 115 11.66 10.23 11.04
CA GLN A 115 10.84 9.88 12.19
C GLN A 115 10.99 8.40 12.50
N LEU A 116 10.94 8.08 13.78
CA LEU A 116 11.13 6.72 14.26
C LEU A 116 10.00 6.33 15.18
N ALA A 117 9.44 5.13 14.96
CA ALA A 117 8.38 4.58 15.78
C ALA A 117 8.86 3.33 16.51
N TYR A 118 8.29 3.10 17.69
CA TYR A 118 8.49 1.90 18.48
C TYR A 118 7.11 1.31 18.75
N GLN A 119 6.94 0.03 18.41
CA GLN A 119 5.65 -0.65 18.56
C GLN A 119 4.53 0.14 17.89
N GLY A 120 4.83 0.71 16.72
CA GLY A 120 3.81 1.33 15.89
C GLY A 120 3.33 2.68 16.34
N SER A 121 4.05 3.35 17.24
CA SER A 121 3.71 4.68 17.74
C SER A 121 4.91 5.60 17.65
N ASP A 122 4.66 6.90 17.47
CA ASP A 122 5.73 7.90 17.41
C ASP A 122 6.63 7.76 18.63
N PHE A 123 7.94 7.65 18.39
CA PHE A 123 8.90 7.52 19.48
C PHE A 123 9.90 8.67 19.53
N VAL A 124 10.69 8.85 18.47
CA VAL A 124 11.65 9.95 18.37
C VAL A 124 11.64 10.45 16.94
N SER A 125 12.22 11.64 16.75
CA SER A 125 12.44 12.14 15.41
C SER A 125 13.71 12.97 15.40
N PHE A 126 14.26 13.12 14.20
CA PHE A 126 15.47 13.91 13.98
C PHE A 126 15.06 15.29 13.50
N GLN A 127 15.44 16.31 14.26
CA GLN A 127 15.08 17.70 13.97
C GLN A 127 16.35 18.54 13.88
N ASN A 128 16.55 19.18 12.73
CA ASN A 128 17.74 19.98 12.48
C ASN A 128 19.00 19.13 12.65
N ASN A 129 19.51 19.04 13.87
CA ASN A 129 20.82 18.47 14.12
C ASN A 129 20.84 17.42 15.21
N SER A 130 19.69 17.04 15.75
CA SER A 130 19.68 16.12 16.88
C SER A 130 18.37 15.37 16.92
N TRP A 131 18.40 14.23 17.60
CA TRP A 131 17.20 13.46 17.83
C TRP A 131 16.42 14.04 19.00
N LEU A 132 15.14 14.25 18.79
CA LEU A 132 14.25 14.75 19.81
C LEU A 132 13.20 13.69 20.14
N PRO A 133 12.89 13.48 21.41
CA PRO A 133 11.81 12.55 21.76
C PRO A 133 10.46 13.19 21.51
N TYR A 134 9.51 12.40 21.07
CA TYR A 134 8.12 12.82 21.18
C TYR A 134 7.76 12.89 22.66
N PRO A 135 7.21 14.00 23.14
CA PRO A 135 6.92 14.09 24.58
C PRO A 135 6.08 12.95 25.12
N VAL A 136 5.08 12.47 24.37
CA VAL A 136 4.21 11.42 24.91
C VAL A 136 4.92 10.08 24.96
N ALA A 137 5.98 9.88 24.18
CA ALA A 137 6.66 8.59 24.17
C ALA A 137 7.35 8.29 25.49
N GLY A 138 7.53 9.29 26.35
CA GLY A 138 7.94 9.08 27.72
C GLY A 138 9.43 9.18 27.94
N ASN A 139 9.83 8.74 29.13
CA ASN A 139 11.23 8.81 29.53
C ASN A 139 12.11 7.89 28.70
N MET A 140 11.58 6.76 28.21
CA MET A 140 12.45 5.88 27.42
C MET A 140 12.82 6.50 26.09
N ALA A 141 11.92 7.31 25.51
CA ALA A 141 12.29 8.04 24.30
C ALA A 141 13.42 9.02 24.56
N LYS A 142 13.40 9.66 25.73
CA LYS A 142 14.50 10.56 26.11
C LYS A 142 15.80 9.79 26.29
N HIS A 143 15.75 8.63 26.94
CA HIS A 143 16.95 7.81 27.07
C HIS A 143 17.46 7.39 25.70
N PHE A 144 16.54 7.04 24.80
CA PHE A 144 16.94 6.64 23.45
C PHE A 144 17.66 7.78 22.72
N CYS A 145 17.13 9.00 22.82
CA CYS A 145 17.79 10.15 22.21
C CYS A 145 19.17 10.40 22.79
N LYS A 146 19.37 10.07 24.07
CA LYS A 146 20.71 10.16 24.65
C LYS A 146 21.69 9.25 23.93
N VAL A 147 21.26 8.02 23.64
CA VAL A 147 22.11 7.10 22.89
C VAL A 147 22.29 7.58 21.45
N LEU A 148 21.23 8.07 20.83
CA LEU A 148 21.31 8.50 19.43
C LEU A 148 22.13 9.76 19.27
N ASN A 149 22.08 10.67 20.25
CA ASN A 149 22.80 11.94 20.18
C ASN A 149 24.22 11.84 20.73
N GLN A 150 24.69 10.64 21.04
CA GLN A 150 25.99 10.50 21.70
C GLN A 150 27.12 11.02 20.82
N ASN A 151 26.99 10.91 19.50
CA ASN A 151 28.04 11.35 18.58
C ASN A 151 27.46 12.42 17.67
N GLN A 152 27.86 13.68 17.90
CA GLN A 152 27.31 14.76 17.10
C GLN A 152 27.73 14.66 15.65
N HIS A 153 28.92 14.11 15.39
CA HIS A 153 29.39 13.96 14.03
C HIS A 153 28.48 13.05 13.22
N GLU A 154 28.03 11.94 13.82
CA GLU A 154 27.10 11.06 13.12
C GLU A 154 25.79 11.78 12.84
N ASN A 155 25.35 12.65 13.77
CA ASN A 155 24.14 13.41 13.55
C ASN A 155 24.32 14.44 12.44
N ASP A 156 25.52 15.03 12.33
CA ASP A 156 25.81 15.93 11.23
C ASP A 156 25.71 15.21 9.90
N ILE A 157 26.17 13.96 9.85
CA ILE A 157 26.03 13.15 8.64
C ILE A 157 24.56 12.88 8.36
N THR A 158 23.80 12.54 9.38
CA THR A 158 22.37 12.34 9.21
C THR A 158 21.70 13.62 8.69
N HIS A 159 22.05 14.76 9.26
CA HIS A 159 21.52 16.03 8.78
C HIS A 159 21.86 16.24 7.30
N ASN A 160 23.11 15.94 6.92
CA ASN A 160 23.52 16.15 5.54
C ASN A 160 22.86 15.16 4.59
N LEU A 161 22.59 13.94 5.04
CA LEU A 161 21.82 13.03 4.21
C LEU A 161 20.47 13.62 3.88
N LEU A 162 19.81 14.22 4.88
CA LEU A 162 18.46 14.73 4.70
C LEU A 162 18.45 16.02 3.88
N SER A 163 19.36 16.95 4.17
CA SER A 163 19.29 18.27 3.58
C SER A 163 20.15 18.45 2.34
N ASP A 164 21.14 17.57 2.13
CA ASP A 164 22.01 17.67 0.96
C ASP A 164 21.87 16.47 0.03
N THR A 165 22.09 15.25 0.54
CA THR A 165 22.06 14.09 -0.33
C THR A 165 20.66 13.85 -0.90
N CYS A 166 19.64 13.92 -0.05
CA CYS A 166 18.29 13.60 -0.47
C CYS A 166 17.74 14.55 -1.54
N PRO A 167 17.80 15.88 -1.37
CA PRO A 167 17.36 16.74 -2.49
C PRO A 167 18.15 16.52 -3.76
N ARG A 168 19.46 16.28 -3.63
CA ARG A 168 20.30 16.02 -4.79
C ARG A 168 19.89 14.72 -5.48
N PHE A 169 19.44 13.73 -4.71
CA PHE A 169 19.00 12.49 -5.33
C PHE A 169 17.78 12.70 -6.21
N ILE A 170 16.80 13.48 -5.74
CA ILE A 170 15.64 13.77 -6.55
C ILE A 170 16.06 14.43 -7.86
N LEU A 171 17.05 15.30 -7.81
CA LEU A 171 17.64 15.85 -9.03
C LEU A 171 18.40 14.75 -9.74
N GLY A 172 17.80 14.22 -10.81
CA GLY A 172 18.28 13.02 -11.44
C GLY A 172 17.37 11.84 -11.24
N LEU A 173 16.36 11.96 -10.38
CA LEU A 173 15.37 10.90 -10.17
C LEU A 173 14.01 11.27 -10.75
N LEU A 174 13.43 12.40 -10.31
CA LEU A 174 12.15 12.83 -10.86
C LEU A 174 12.27 13.13 -12.35
N ASP A 175 13.26 13.92 -12.74
CA ASP A 175 13.44 14.24 -14.15
C ASP A 175 13.71 12.99 -14.98
N ALA A 176 14.61 12.13 -14.49
CA ALA A 176 14.95 10.92 -15.23
C ALA A 176 13.77 9.96 -15.34
N GLY A 177 12.82 10.03 -14.41
CA GLY A 177 11.71 9.12 -14.43
C GLY A 177 10.34 9.76 -14.63
N LYS A 178 10.30 11.09 -14.85
CA LYS A 178 9.01 11.75 -14.96
C LYS A 178 8.20 11.20 -16.12
N ALA A 179 8.88 10.71 -17.16
CA ALA A 179 8.20 9.93 -18.19
C ALA A 179 7.39 8.79 -17.60
N HIS A 180 7.68 8.38 -16.36
CA HIS A 180 6.86 7.40 -15.66
C HIS A 180 5.81 8.08 -14.79
N LEU A 181 6.23 9.03 -13.95
CA LEU A 181 5.28 9.67 -13.05
C LEU A 181 4.26 10.53 -13.79
N GLN A 182 4.56 10.96 -15.01
CA GLN A 182 3.62 11.76 -15.77
C GLN A 182 2.84 10.94 -16.80
N ARG A 183 2.94 9.62 -16.74
CA ARG A 183 2.12 8.77 -17.59
C ARG A 183 0.66 9.07 -17.36
N GLN A 184 -0.14 8.88 -18.40
CA GLN A 184 -1.59 8.88 -18.29
C GLN A 184 -2.07 7.52 -18.75
N VAL A 185 -2.78 6.82 -17.87
CA VAL A 185 -3.29 5.49 -18.17
C VAL A 185 -4.79 5.50 -17.92
N LYS A 186 -5.55 5.23 -18.97
CA LYS A 186 -6.99 5.38 -18.91
C LYS A 186 -7.61 4.30 -18.02
N PRO A 187 -8.64 4.64 -17.26
CA PRO A 187 -9.33 3.62 -16.47
C PRO A 187 -10.24 2.77 -17.34
N GLU A 188 -10.56 1.59 -16.83
CA GLU A 188 -11.70 0.85 -17.32
C GLU A 188 -12.67 0.69 -16.16
N ALA A 189 -13.95 0.51 -16.48
CA ALA A 189 -14.94 0.45 -15.42
C ALA A 189 -15.88 -0.70 -15.71
N TRP A 190 -16.55 -1.16 -14.66
CA TRP A 190 -17.60 -2.16 -14.86
C TRP A 190 -18.52 -2.11 -13.65
N LEU A 191 -19.69 -2.70 -13.82
CA LEU A 191 -20.77 -2.65 -12.85
C LEU A 191 -21.07 -4.05 -12.35
N SER A 192 -21.46 -4.15 -11.09
CA SER A 192 -21.85 -5.42 -10.50
C SER A 192 -22.81 -5.15 -9.35
N HIS A 193 -23.40 -6.23 -8.85
CA HIS A 193 -24.22 -6.19 -7.65
C HIS A 193 -23.35 -6.32 -6.42
N GLY A 194 -23.63 -5.50 -5.41
CA GLY A 194 -22.98 -5.66 -4.13
C GLY A 194 -23.83 -6.47 -3.18
N PRO A 195 -23.32 -6.73 -1.98
CA PRO A 195 -24.18 -7.33 -0.94
C PRO A 195 -25.38 -6.42 -0.66
N SER A 196 -26.55 -7.03 -0.55
CA SER A 196 -27.77 -6.26 -0.40
C SER A 196 -27.80 -5.60 0.98
N PRO A 197 -28.08 -4.29 1.05
CA PRO A 197 -27.96 -3.61 2.35
C PRO A 197 -29.05 -3.99 3.34
N GLY A 198 -30.28 -4.17 2.86
CA GLY A 198 -31.39 -4.49 3.72
C GLY A 198 -32.55 -4.95 2.88
N PRO A 199 -33.69 -5.21 3.52
CA PRO A 199 -34.86 -5.68 2.75
C PRO A 199 -35.25 -4.67 1.69
N GLY A 200 -35.57 -5.19 0.50
CA GLY A 200 -36.08 -4.37 -0.58
C GLY A 200 -35.10 -3.39 -1.18
N HIS A 201 -33.81 -3.52 -0.87
CA HIS A 201 -32.82 -2.59 -1.40
C HIS A 201 -31.74 -3.36 -2.14
N LEU A 202 -31.08 -2.66 -3.05
CA LEU A 202 -29.95 -3.19 -3.81
C LEU A 202 -28.73 -2.33 -3.55
N GLN A 203 -27.56 -2.93 -3.72
CA GLN A 203 -26.30 -2.20 -3.75
C GLN A 203 -25.75 -2.29 -5.16
N LEU A 204 -25.58 -1.13 -5.80
CA LEU A 204 -24.97 -1.03 -7.12
C LEU A 204 -23.49 -0.75 -6.93
N VAL A 205 -22.64 -1.50 -7.63
CA VAL A 205 -21.20 -1.36 -7.48
C VAL A 205 -20.62 -0.91 -8.81
N CYS A 206 -19.91 0.20 -8.79
CA CYS A 206 -19.15 0.65 -9.94
C CYS A 206 -17.67 0.47 -9.63
N HIS A 207 -17.01 -0.40 -10.39
CA HIS A 207 -15.59 -0.67 -10.24
C HIS A 207 -14.82 0.20 -11.23
N VAL A 208 -13.74 0.82 -10.79
CA VAL A 208 -12.90 1.61 -11.68
C VAL A 208 -11.46 1.13 -11.49
N SER A 209 -10.83 0.67 -12.57
CA SER A 209 -9.57 -0.05 -12.47
C SER A 209 -8.58 0.45 -13.51
N GLY A 210 -7.29 0.31 -13.19
CA GLY A 210 -6.27 0.53 -14.19
C GLY A 210 -5.92 1.96 -14.50
N PHE A 211 -6.35 2.91 -13.68
CA PHE A 211 -6.04 4.29 -14.00
C PHE A 211 -4.76 4.75 -13.32
N TYR A 212 -4.14 5.76 -13.92
CA TYR A 212 -2.96 6.42 -13.39
C TYR A 212 -2.87 7.77 -14.09
N PRO A 213 -2.54 8.86 -13.37
CA PRO A 213 -2.26 8.91 -11.94
C PRO A 213 -3.49 8.75 -11.05
N LYS A 214 -3.27 8.89 -9.74
CA LYS A 214 -4.23 8.53 -8.71
C LYS A 214 -5.52 9.35 -8.70
N PRO A 215 -5.49 10.67 -8.85
CA PRO A 215 -6.74 11.44 -8.73
C PRO A 215 -7.77 10.94 -9.73
N VAL A 216 -9.01 10.77 -9.27
CA VAL A 216 -10.08 10.19 -10.07
C VAL A 216 -11.40 10.67 -9.49
N TRP A 217 -12.43 10.71 -10.33
CA TRP A 217 -13.77 11.14 -9.97
C TRP A 217 -14.74 10.05 -10.42
N VAL A 218 -15.61 9.61 -9.51
CA VAL A 218 -16.58 8.58 -9.88
C VAL A 218 -17.85 8.81 -9.07
N MET A 219 -18.98 8.89 -9.77
CA MET A 219 -20.26 9.06 -9.09
C MET A 219 -21.30 8.19 -9.77
N TRP A 220 -22.21 7.61 -8.97
CA TRP A 220 -23.47 7.17 -9.55
C TRP A 220 -24.31 8.39 -9.87
N MET A 221 -25.03 8.33 -10.99
CA MET A 221 -25.75 9.45 -11.57
C MET A 221 -27.18 9.04 -11.91
N ARG A 222 -28.10 9.99 -11.86
CA ARG A 222 -29.38 9.84 -12.57
C ARG A 222 -29.42 10.99 -13.56
N GLY A 223 -29.08 10.68 -14.82
CA GLY A 223 -28.87 11.73 -15.80
C GLY A 223 -27.70 12.59 -15.36
N GLU A 224 -27.97 13.89 -15.20
CA GLU A 224 -26.96 14.85 -14.78
C GLU A 224 -26.89 15.01 -13.27
N GLN A 225 -27.78 14.39 -12.50
CA GLN A 225 -27.82 14.58 -11.06
C GLN A 225 -26.93 13.55 -10.39
N GLU A 226 -25.88 14.02 -9.72
CA GLU A 226 -25.04 13.14 -8.93
C GLU A 226 -25.86 12.58 -7.78
N GLN A 227 -25.74 11.28 -7.56
CA GLN A 227 -26.45 10.62 -6.48
C GLN A 227 -25.58 10.69 -5.23
N GLN A 228 -26.01 11.48 -4.26
CA GLN A 228 -25.13 11.76 -3.12
C GLN A 228 -25.05 10.60 -2.16
N GLY A 229 -25.77 9.52 -2.42
CA GLY A 229 -25.53 8.28 -1.72
C GLY A 229 -24.32 7.49 -2.20
N THR A 230 -23.64 7.95 -3.25
CA THR A 230 -22.46 7.25 -3.74
C THR A 230 -21.41 7.15 -2.64
N GLN A 231 -21.02 5.92 -2.29
CA GLN A 231 -19.99 5.67 -1.27
C GLN A 231 -18.72 5.23 -1.98
N ARG A 232 -17.74 6.10 -2.00
CA ARG A 232 -16.47 5.79 -2.63
C ARG A 232 -15.57 5.05 -1.65
N GLY A 233 -15.04 3.90 -2.09
CA GLY A 233 -14.16 3.12 -1.25
C GLY A 233 -12.76 3.69 -1.24
N ASP A 234 -11.85 2.91 -0.67
CA ASP A 234 -10.43 3.24 -0.71
C ASP A 234 -9.88 3.04 -2.11
N ILE A 235 -8.89 3.84 -2.48
CA ILE A 235 -8.18 3.62 -3.72
C ILE A 235 -7.12 2.56 -3.45
N LEU A 236 -7.18 1.44 -4.19
CA LEU A 236 -6.36 0.28 -3.89
C LEU A 236 -5.34 0.04 -5.00
N PRO A 237 -4.15 -0.43 -4.66
CA PRO A 237 -3.09 -0.57 -5.67
C PRO A 237 -3.22 -1.84 -6.48
N SER A 238 -2.68 -1.78 -7.69
CA SER A 238 -2.41 -2.96 -8.50
C SER A 238 -0.91 -3.07 -8.70
N ALA A 239 -0.45 -4.30 -8.93
CA ALA A 239 0.98 -4.54 -9.06
C ALA A 239 1.58 -3.84 -10.27
N ASP A 240 0.77 -3.44 -11.25
CA ASP A 240 1.30 -2.75 -12.42
C ASP A 240 1.39 -1.25 -12.22
N GLY A 241 1.25 -0.76 -10.99
CA GLY A 241 1.32 0.65 -10.71
C GLY A 241 0.02 1.42 -10.86
N THR A 242 -1.03 0.81 -11.40
CA THR A 242 -2.30 1.52 -11.55
C THR A 242 -3.14 1.35 -10.29
N TRP A 243 -4.30 2.00 -10.27
CA TRP A 243 -5.15 2.11 -9.10
C TRP A 243 -6.54 1.55 -9.39
N TYR A 244 -7.22 1.20 -8.30
CA TYR A 244 -8.56 0.59 -8.34
C TYR A 244 -9.41 1.22 -7.25
N LEU A 245 -10.71 1.29 -7.52
CA LEU A 245 -11.66 1.89 -6.59
C LEU A 245 -13.04 1.28 -6.86
N ARG A 246 -13.82 1.08 -5.80
CA ARG A 246 -15.22 0.73 -5.88
C ARG A 246 -16.07 1.87 -5.34
N ALA A 247 -17.11 2.25 -6.09
CA ALA A 247 -18.08 3.26 -5.67
C ALA A 247 -19.46 2.61 -5.63
N THR A 248 -20.08 2.57 -4.45
CA THR A 248 -21.31 1.81 -4.27
C THR A 248 -22.48 2.73 -3.97
N LEU A 249 -23.65 2.36 -4.48
CA LEU A 249 -24.87 3.11 -4.24
C LEU A 249 -25.96 2.16 -3.76
N GLU A 250 -26.55 2.48 -2.62
CA GLU A 250 -27.66 1.71 -2.09
C GLU A 250 -28.97 2.36 -2.53
N VAL A 251 -29.84 1.56 -3.14
CA VAL A 251 -31.08 2.04 -3.70
C VAL A 251 -32.19 1.04 -3.41
N ALA A 252 -33.42 1.54 -3.35
CA ALA A 252 -34.58 0.66 -3.29
C ALA A 252 -34.77 -0.05 -4.63
N ALA A 253 -35.24 -1.30 -4.57
CA ALA A 253 -35.33 -2.13 -5.76
C ALA A 253 -36.14 -1.46 -6.86
N GLY A 254 -37.22 -0.77 -6.50
CA GLY A 254 -38.01 -0.09 -7.51
C GLY A 254 -37.26 1.03 -8.21
N GLU A 255 -36.34 1.69 -7.50
CA GLU A 255 -35.79 2.97 -7.94
C GLU A 255 -34.40 2.85 -8.56
N ALA A 256 -34.08 1.71 -9.18
CA ALA A 256 -32.77 1.53 -9.80
C ALA A 256 -32.78 1.86 -11.29
N ALA A 257 -33.90 2.33 -11.82
CA ALA A 257 -34.00 2.65 -13.25
C ALA A 257 -33.23 3.92 -13.58
N ASP A 258 -32.65 3.94 -14.78
CA ASP A 258 -31.98 5.12 -15.33
C ASP A 258 -30.73 5.51 -14.55
N LEU A 259 -30.12 4.60 -13.80
CA LEU A 259 -28.91 4.92 -13.06
C LEU A 259 -27.69 4.59 -13.90
N SER A 260 -26.68 5.45 -13.84
CA SER A 260 -25.43 5.24 -14.55
C SER A 260 -24.28 5.56 -13.61
N CYS A 261 -23.12 4.95 -13.86
CA CYS A 261 -21.89 5.31 -13.19
C CYS A 261 -21.03 6.13 -14.14
N ARG A 262 -20.56 7.29 -13.68
CA ARG A 262 -19.77 8.19 -14.51
C ARG A 262 -18.38 8.32 -13.93
N VAL A 263 -17.35 8.15 -14.77
CA VAL A 263 -15.95 8.23 -14.35
C VAL A 263 -15.27 9.39 -15.08
N LYS A 264 -14.61 10.26 -14.33
CA LYS A 264 -13.83 11.33 -14.90
C LYS A 264 -12.38 11.10 -14.49
N HIS A 265 -11.47 11.20 -15.45
CA HIS A 265 -10.06 11.02 -15.14
C HIS A 265 -9.23 11.83 -16.12
N SER A 266 -8.09 12.32 -15.65
CA SER A 266 -7.24 13.19 -16.47
C SER A 266 -6.88 12.55 -17.81
N SER A 267 -6.70 11.23 -17.84
CA SER A 267 -6.28 10.57 -19.07
C SER A 267 -7.36 10.59 -20.14
N LEU A 268 -8.61 10.84 -19.76
CA LEU A 268 -9.72 10.71 -20.70
C LEU A 268 -9.99 11.97 -21.50
N GLU A 269 -9.35 13.09 -21.15
CA GLU A 269 -9.50 14.36 -21.87
C GLU A 269 -10.96 14.73 -22.09
N GLY A 270 -11.75 14.68 -21.01
CA GLY A 270 -13.13 15.09 -21.04
C GLY A 270 -14.09 14.03 -21.51
N GLN A 271 -13.61 12.88 -21.97
CA GLN A 271 -14.49 11.85 -22.51
C GLN A 271 -14.78 10.85 -21.40
N ASP A 272 -15.72 11.22 -20.53
CA ASP A 272 -16.04 10.42 -19.34
C ASP A 272 -16.48 9.02 -19.74
N ILE A 273 -16.14 8.05 -18.91
CA ILE A 273 -16.71 6.72 -19.02
C ILE A 273 -18.10 6.76 -18.41
N VAL A 274 -19.12 6.30 -19.15
CA VAL A 274 -20.47 6.24 -18.62
C VAL A 274 -21.00 4.83 -18.86
N LEU A 275 -21.32 4.12 -17.78
CA LEU A 275 -21.91 2.79 -17.84
C LEU A 275 -23.31 2.87 -17.25
N TYR A 276 -24.23 2.06 -17.76
CA TYR A 276 -25.63 2.13 -17.40
C TYR A 276 -26.06 0.85 -16.71
N TRP A 277 -26.81 0.99 -15.63
CA TRP A 277 -27.40 -0.15 -14.93
C TRP A 277 -28.51 -0.69 -15.82
N GLU A 278 -28.24 -1.79 -16.50
CA GLU A 278 -29.00 -2.10 -17.71
C GLU A 278 -28.73 -3.55 -18.10
N GLY A 279 -29.58 -4.07 -18.98
CA GLY A 279 -29.38 -5.43 -19.46
C GLY A 279 -29.67 -6.44 -18.37
N SER A 280 -28.81 -7.46 -18.25
CA SER A 280 -29.01 -8.49 -17.25
C SER A 280 -28.86 -7.96 -15.83
N LEU A 281 -28.28 -6.77 -15.67
CA LEU A 281 -28.14 -6.18 -14.33
C LEU A 281 -29.51 -5.83 -13.75
N VAL A 282 -30.45 -5.39 -14.58
CA VAL A 282 -31.73 -4.84 -14.13
C VAL A 282 -32.53 -5.91 -13.39
N PRO A 283 -32.87 -7.08 -13.99
CA PRO A 283 -32.68 -7.57 -15.37
C PRO A 283 -33.85 -7.19 -16.28
N ARG A 284 -33.57 -6.94 -17.57
CA ARG A 284 -34.63 -6.65 -18.53
C ARG A 284 -35.35 -7.93 -18.93
N GLY A 285 -36.38 -7.77 -19.76
CA GLY A 285 -37.11 -8.91 -20.30
C GLY A 285 -37.32 -8.85 -21.80
N ILE B 2 -2.06 -1.78 21.36
CA ILE B 2 -0.72 -1.92 20.80
C ILE B 2 -0.81 -2.66 19.45
N GLN B 3 -1.86 -3.45 19.24
CA GLN B 3 -2.02 -4.28 18.05
C GLN B 3 -3.24 -3.83 17.27
N ARG B 4 -3.15 -3.91 15.94
CA ARG B 4 -4.21 -3.45 15.04
C ARG B 4 -4.56 -4.54 14.04
N THR B 5 -5.86 -4.78 13.87
CA THR B 5 -6.30 -5.88 13.04
C THR B 5 -6.29 -5.50 11.56
N PRO B 6 -5.99 -6.45 10.67
CA PRO B 6 -5.92 -6.12 9.25
C PRO B 6 -7.28 -5.82 8.64
N LYS B 7 -7.31 -4.81 7.78
CA LYS B 7 -8.38 -4.63 6.80
C LYS B 7 -8.04 -5.44 5.55
N ILE B 8 -9.04 -6.12 4.98
CA ILE B 8 -8.83 -7.10 3.91
C ILE B 8 -9.78 -6.78 2.77
N GLN B 9 -9.24 -6.47 1.59
CA GLN B 9 -10.03 -6.04 0.44
C GLN B 9 -9.60 -6.83 -0.79
N VAL B 10 -10.57 -7.44 -1.46
CA VAL B 10 -10.34 -8.33 -2.61
C VAL B 10 -10.94 -7.71 -3.86
N TYR B 11 -10.21 -7.78 -4.97
CA TYR B 11 -10.65 -7.17 -6.21
C TYR B 11 -9.89 -7.80 -7.36
N SER B 12 -10.53 -7.76 -8.53
CA SER B 12 -9.90 -8.18 -9.78
C SER B 12 -9.41 -6.95 -10.55
N ARG B 13 -8.38 -7.16 -11.36
CA ARG B 13 -7.82 -6.08 -12.18
C ARG B 13 -8.78 -5.67 -13.29
N HIS B 14 -9.52 -6.61 -13.83
CA HIS B 14 -10.42 -6.45 -14.98
C HIS B 14 -11.77 -7.02 -14.62
N PRO B 15 -12.83 -6.63 -15.33
CA PRO B 15 -14.12 -7.28 -15.11
C PRO B 15 -13.98 -8.77 -15.33
N ALA B 16 -14.68 -9.55 -14.51
CA ALA B 16 -14.65 -11.00 -14.65
C ALA B 16 -15.29 -11.40 -15.97
N GLU B 17 -14.56 -12.19 -16.75
CA GLU B 17 -15.11 -12.82 -17.95
C GLU B 17 -14.59 -14.24 -17.97
N ASN B 18 -15.50 -15.21 -17.94
CA ASN B 18 -15.10 -16.61 -17.87
C ASN B 18 -14.24 -16.97 -19.07
N GLY B 19 -13.14 -17.69 -18.82
CA GLY B 19 -12.22 -18.07 -19.86
C GLY B 19 -11.16 -17.05 -20.18
N LYS B 20 -11.21 -15.86 -19.58
CA LYS B 20 -10.25 -14.80 -19.87
C LYS B 20 -9.34 -14.57 -18.67
N SER B 21 -8.04 -14.58 -18.92
CA SER B 21 -7.09 -14.38 -17.83
C SER B 21 -7.24 -12.99 -17.24
N ASN B 22 -6.98 -12.91 -15.95
CA ASN B 22 -7.27 -11.73 -15.14
C ASN B 22 -6.25 -11.75 -14.01
N PHE B 23 -6.33 -10.78 -13.12
CA PHE B 23 -5.52 -10.79 -11.90
C PHE B 23 -6.41 -10.61 -10.69
N LEU B 24 -6.17 -11.43 -9.67
CA LEU B 24 -6.90 -11.34 -8.41
C LEU B 24 -5.99 -10.68 -7.37
N ASN B 25 -6.52 -9.70 -6.66
CA ASN B 25 -5.77 -8.90 -5.71
C ASN B 25 -6.38 -9.06 -4.33
N CYS B 26 -5.53 -9.12 -3.31
CA CYS B 26 -5.95 -9.00 -1.93
C CYS B 26 -5.04 -7.97 -1.29
N TYR B 27 -5.62 -6.85 -0.88
CA TYR B 27 -4.92 -5.77 -0.22
C TYR B 27 -5.19 -5.87 1.27
N VAL B 28 -4.13 -6.09 2.04
CA VAL B 28 -4.22 -6.25 3.48
C VAL B 28 -3.50 -5.05 4.10
N SER B 29 -4.19 -4.34 4.99
CA SER B 29 -3.69 -3.04 5.42
C SER B 29 -4.13 -2.71 6.85
N GLY B 30 -3.51 -1.68 7.40
CA GLY B 30 -3.88 -1.18 8.71
C GLY B 30 -3.53 -2.07 9.88
N PHE B 31 -2.60 -3.00 9.71
CA PHE B 31 -2.34 -3.97 10.76
C PHE B 31 -0.99 -3.73 11.45
N HIS B 32 -0.89 -4.27 12.65
CA HIS B 32 0.33 -4.20 13.44
C HIS B 32 0.25 -5.26 14.52
N PRO B 33 1.30 -6.06 14.76
CA PRO B 33 2.64 -6.03 14.16
C PRO B 33 2.68 -6.61 12.74
N SER B 34 3.86 -6.62 12.11
CA SER B 34 3.95 -6.90 10.67
C SER B 34 3.77 -8.37 10.32
N ASP B 35 3.90 -9.27 11.30
CA ASP B 35 3.78 -10.69 10.99
C ASP B 35 2.36 -11.01 10.57
N ILE B 36 2.21 -11.64 9.42
CA ILE B 36 0.88 -11.89 8.87
C ILE B 36 0.98 -13.03 7.87
N GLU B 37 -0.12 -13.75 7.71
CA GLU B 37 -0.20 -14.84 6.75
C GLU B 37 -1.38 -14.54 5.83
N VAL B 38 -1.12 -14.50 4.52
CA VAL B 38 -2.14 -14.23 3.53
C VAL B 38 -2.08 -15.28 2.45
N ASP B 39 -3.24 -15.87 2.14
CA ASP B 39 -3.36 -16.83 1.06
C ASP B 39 -4.52 -16.41 0.16
N LEU B 40 -4.34 -16.59 -1.15
CA LEU B 40 -5.46 -16.55 -2.07
C LEU B 40 -5.99 -17.96 -2.22
N LEU B 41 -7.30 -18.10 -2.24
CA LEU B 41 -7.96 -19.39 -2.32
C LEU B 41 -8.68 -19.50 -3.65
N LYS B 42 -8.65 -20.68 -4.25
CA LYS B 42 -9.53 -21.05 -5.35
C LYS B 42 -10.34 -22.25 -4.90
N ASN B 43 -11.66 -22.09 -4.84
CA ASN B 43 -12.54 -23.17 -4.42
C ASN B 43 -12.08 -23.78 -3.10
N GLY B 44 -11.73 -22.90 -2.16
CA GLY B 44 -11.32 -23.30 -0.83
C GLY B 44 -9.90 -23.81 -0.71
N GLU B 45 -9.19 -24.00 -1.82
CA GLU B 45 -7.83 -24.50 -1.80
C GLU B 45 -6.86 -23.37 -2.05
N ARG B 46 -5.75 -23.38 -1.32
CA ARG B 46 -4.73 -22.35 -1.47
C ARG B 46 -4.12 -22.38 -2.87
N ILE B 47 -3.87 -21.19 -3.42
CA ILE B 47 -3.22 -21.04 -4.71
C ILE B 47 -1.72 -20.93 -4.49
N GLU B 48 -0.96 -21.68 -5.27
CA GLU B 48 0.50 -21.69 -5.15
C GLU B 48 1.12 -20.52 -5.90
N LYS B 49 2.29 -20.09 -5.41
CA LYS B 49 3.13 -19.11 -6.11
C LYS B 49 2.42 -17.78 -6.33
N VAL B 50 1.73 -17.30 -5.29
CA VAL B 50 1.12 -15.97 -5.29
C VAL B 50 2.19 -14.93 -5.01
N GLU B 51 2.12 -13.79 -5.70
CA GLU B 51 3.07 -12.70 -5.51
C GLU B 51 2.58 -11.74 -4.43
N HIS B 52 3.53 -11.05 -3.80
CA HIS B 52 3.13 -9.93 -2.96
C HIS B 52 4.15 -8.80 -3.06
N SER B 53 3.67 -7.60 -2.78
CA SER B 53 4.53 -6.42 -2.77
C SER B 53 5.45 -6.48 -1.55
N ASP B 54 6.50 -5.67 -1.59
CA ASP B 54 7.34 -5.53 -0.42
C ASP B 54 6.53 -4.90 0.71
N LEU B 55 6.75 -5.38 1.93
CA LEU B 55 6.07 -4.81 3.08
C LEU B 55 6.36 -3.32 3.17
N SER B 56 5.33 -2.55 3.50
CA SER B 56 5.43 -1.11 3.65
C SER B 56 4.49 -0.71 4.78
N PHE B 57 4.47 0.57 5.12
CA PHE B 57 3.57 1.06 6.15
C PHE B 57 3.08 2.46 5.79
N SER B 58 1.95 2.84 6.40
CA SER B 58 1.34 4.14 6.16
C SER B 58 1.87 5.19 7.14
N LYS B 59 1.30 6.38 7.07
CA LYS B 59 1.69 7.47 7.96
C LYS B 59 1.47 7.09 9.42
N ASP B 60 0.39 6.39 9.72
CA ASP B 60 0.11 6.03 11.11
C ASP B 60 0.90 4.82 11.59
N TRP B 61 1.83 4.33 10.76
CA TRP B 61 2.76 3.23 11.03
C TRP B 61 2.11 1.85 10.86
N SER B 62 0.83 1.76 10.52
CA SER B 62 0.26 0.45 10.28
C SER B 62 0.78 -0.08 8.94
N PHE B 63 0.87 -1.40 8.84
CA PHE B 63 1.50 -2.04 7.68
C PHE B 63 0.46 -2.35 6.61
N TYR B 64 0.94 -2.53 5.37
CA TYR B 64 0.06 -2.97 4.29
C TYR B 64 0.84 -3.80 3.28
N LEU B 65 0.13 -4.71 2.63
CA LEU B 65 0.68 -5.60 1.62
C LEU B 65 -0.36 -5.82 0.54
N LEU B 66 0.09 -5.98 -0.70
CA LEU B 66 -0.75 -6.42 -1.80
C LEU B 66 -0.32 -7.83 -2.21
N TYR B 67 -1.25 -8.78 -2.14
CA TYR B 67 -1.04 -10.12 -2.69
C TYR B 67 -1.81 -10.24 -4.00
N TYR B 68 -1.20 -10.89 -4.98
CA TYR B 68 -1.84 -10.93 -6.29
C TYR B 68 -1.39 -12.14 -7.09
N THR B 69 -2.29 -12.60 -7.97
CA THR B 69 -1.96 -13.71 -8.85
C THR B 69 -2.77 -13.61 -10.13
N GLU B 70 -2.17 -14.05 -11.23
CA GLU B 70 -2.90 -14.18 -12.48
C GLU B 70 -3.81 -15.39 -12.38
N PHE B 71 -5.03 -15.25 -12.87
CA PHE B 71 -5.98 -16.36 -12.86
C PHE B 71 -6.93 -16.23 -14.02
N THR B 72 -7.57 -17.34 -14.35
CA THR B 72 -8.65 -17.39 -15.35
C THR B 72 -9.90 -17.95 -14.69
N PRO B 73 -10.87 -17.11 -14.33
CA PRO B 73 -12.09 -17.64 -13.72
C PRO B 73 -12.91 -18.45 -14.72
N THR B 74 -13.60 -19.45 -14.20
CA THR B 74 -14.69 -20.12 -14.90
C THR B 74 -15.97 -19.96 -14.07
N GLU B 75 -17.07 -20.49 -14.62
CA GLU B 75 -18.39 -20.30 -14.01
C GLU B 75 -18.48 -20.93 -12.62
N LYS B 76 -17.80 -22.06 -12.41
CA LYS B 76 -17.93 -22.82 -11.17
C LYS B 76 -16.91 -22.42 -10.11
N ASP B 77 -16.08 -21.41 -10.37
CA ASP B 77 -14.97 -21.12 -9.47
C ASP B 77 -15.31 -19.97 -8.53
N GLU B 78 -14.96 -20.14 -7.26
CA GLU B 78 -15.04 -19.09 -6.25
C GLU B 78 -13.63 -18.81 -5.75
N TYR B 79 -13.33 -17.53 -5.56
CA TYR B 79 -12.03 -17.11 -5.06
C TYR B 79 -12.22 -16.31 -3.79
N ALA B 80 -11.17 -16.29 -2.97
CA ALA B 80 -11.20 -15.62 -1.68
C ALA B 80 -9.77 -15.35 -1.23
N CYS B 81 -9.67 -14.52 -0.20
CA CYS B 81 -8.40 -14.22 0.46
C CYS B 81 -8.52 -14.62 1.92
N ARG B 82 -7.54 -15.40 2.40
CA ARG B 82 -7.51 -15.90 3.77
C ARG B 82 -6.33 -15.27 4.51
N VAL B 83 -6.62 -14.62 5.64
CA VAL B 83 -5.65 -13.83 6.38
C VAL B 83 -5.60 -14.34 7.81
N ASN B 84 -4.39 -14.58 8.32
CA ASN B 84 -4.20 -14.88 9.73
C ASN B 84 -3.26 -13.84 10.33
N HIS B 85 -3.59 -13.39 11.54
CA HIS B 85 -2.84 -12.35 12.22
C HIS B 85 -3.03 -12.54 13.71
N VAL B 86 -2.09 -12.03 14.50
CA VAL B 86 -2.15 -12.23 15.95
C VAL B 86 -3.45 -11.68 16.54
N THR B 87 -4.01 -10.66 15.90
CA THR B 87 -5.26 -10.05 16.35
C THR B 87 -6.50 -10.89 16.05
N LEU B 88 -6.36 -11.98 15.31
CA LEU B 88 -7.50 -12.78 14.87
C LEU B 88 -7.56 -14.09 15.64
N SER B 89 -8.74 -14.39 16.19
CA SER B 89 -8.95 -15.70 16.82
C SER B 89 -8.86 -16.81 15.78
N GLN B 90 -9.61 -16.65 14.69
CA GLN B 90 -9.68 -17.56 13.57
C GLN B 90 -9.31 -16.81 12.30
N PRO B 91 -8.73 -17.48 11.31
CA PRO B 91 -8.42 -16.81 10.05
C PRO B 91 -9.66 -16.20 9.44
N LYS B 92 -9.52 -14.98 8.91
CA LYS B 92 -10.63 -14.27 8.30
C LYS B 92 -10.59 -14.51 6.80
N ILE B 93 -11.73 -14.91 6.24
CA ILE B 93 -11.83 -15.22 4.82
C ILE B 93 -12.75 -14.20 4.19
N VAL B 94 -12.23 -13.47 3.19
CA VAL B 94 -13.00 -12.48 2.44
C VAL B 94 -13.09 -12.95 0.99
N LYS B 95 -14.31 -13.06 0.49
CA LYS B 95 -14.57 -13.57 -0.86
C LYS B 95 -14.26 -12.52 -1.92
N TRP B 96 -13.92 -12.99 -3.12
CA TRP B 96 -13.97 -12.14 -4.31
C TRP B 96 -15.42 -12.05 -4.76
N ASP B 97 -16.03 -10.87 -4.60
CA ASP B 97 -17.43 -10.66 -5.02
C ASP B 97 -17.46 -10.45 -6.53
N ARG B 98 -17.95 -11.43 -7.26
CA ARG B 98 -18.22 -11.21 -8.66
C ARG B 98 -19.69 -11.49 -8.95
N ASP B 99 -20.18 -10.82 -9.99
CA ASP B 99 -21.53 -11.00 -10.48
C ASP B 99 -21.51 -12.06 -11.57
N MET B 100 -22.40 -13.04 -11.47
CA MET B 100 -22.45 -14.12 -12.43
C MET B 100 -23.53 -13.93 -13.49
N GLY B 101 -24.02 -12.70 -13.66
CA GLY B 101 -25.04 -12.44 -14.65
C GLY B 101 -26.42 -12.89 -14.19
N SER B 102 -27.36 -12.86 -15.14
CA SER B 102 -28.73 -13.27 -14.85
C SER B 102 -28.76 -14.70 -14.33
N LEU B 103 -29.59 -14.94 -13.30
CA LEU B 103 -29.72 -16.27 -12.74
C LEU B 103 -30.80 -17.07 -13.46
N VAL B 104 -32.02 -16.58 -13.43
CA VAL B 104 -33.17 -17.33 -13.93
C VAL B 104 -33.11 -17.32 -15.46
N PRO B 105 -32.99 -18.48 -16.10
CA PRO B 105 -32.97 -18.50 -17.57
C PRO B 105 -34.36 -18.19 -18.13
N ARG B 106 -34.37 -17.32 -19.14
CA ARG B 106 -35.56 -17.12 -19.97
C ARG B 106 -35.32 -17.58 -21.39
N GLY B 107 -34.14 -18.11 -21.70
CA GLY B 107 -33.76 -18.48 -23.04
C GLY B 107 -32.63 -19.51 -23.08
C1 NAG C . 25.10 13.74 -13.33
C2 NAG C . 26.50 13.13 -13.27
C3 NAG C . 27.53 14.08 -13.89
C4 NAG C . 27.06 14.61 -15.23
C5 NAG C . 25.63 15.13 -15.12
C6 NAG C . 25.05 15.59 -16.44
C7 NAG C . 28.06 12.63 -11.35
C8 NAG C . 28.07 12.29 -9.89
N2 NAG C . 26.84 12.79 -11.88
O3 NAG C . 28.77 13.40 -14.08
O4 NAG C . 27.91 15.66 -15.68
O5 NAG C . 24.79 14.09 -14.65
O6 NAG C . 23.87 16.36 -16.23
O7 NAG C . 29.09 12.74 -12.00
C MW9 D . 21.87 2.62 19.12
O MW9 D . 17.93 3.92 9.41
C1 MW9 D . 20.99 2.04 18.04
C10 MW9 D . 16.17 -0.11 10.76
C11 MW9 D . 17.25 -1.11 11.06
C12 MW9 D . 18.62 -0.49 11.13
C13 MW9 D . 18.94 0.41 9.95
C14 MW9 D . 20.17 1.26 10.16
C15 MW9 D . 20.64 1.99 8.92
C16 MW9 D . 20.23 3.45 8.90
C17 MW9 D . 19.06 3.77 9.80
C18 MW9 D . 18.95 5.15 11.70
C19 MW9 D . 20.11 6.11 11.67
C2 MW9 D . 20.34 3.11 17.18
C20 MW9 D . 20.63 6.42 13.04
C21 MW9 D . 24.06 5.40 15.61
C22 MW9 D . 23.64 3.95 15.51
C23 MW9 D . 24.32 3.07 16.53
C24 MW9 D . 19.93 7.39 9.64
C25 MW9 D . 18.78 7.96 8.88
C26 MW9 D . 19.06 8.00 7.38
C27 MW9 D . 17.95 8.62 6.56
C28 MW9 D . 18.36 8.96 5.14
C29 MW9 D . 17.22 9.43 4.26
C3 MW9 D . 19.33 2.59 16.18
C30 MW9 D . 17.65 10.18 2.99
C31 MW9 D . 18.44 9.34 1.99
C32 MW9 D . 18.60 10.03 0.67
C33 MW9 D . 19.04 9.50 -0.46
C34 MW9 D . 19.47 8.08 -0.66
C35 MW9 D . 18.79 7.42 -1.84
C36 MW9 D . 18.96 5.92 -1.89
C37 MW9 D . 18.28 5.19 -0.72
C38 MW9 D . 18.56 3.70 -0.66
C39 MW9 D . 17.31 2.87 -0.46
C4 MW9 D . 18.61 3.70 15.42
C40 MW9 D . 17.59 1.42 -0.10
C41 MW9 D . 16.33 0.62 0.09
C5 MW9 D . 17.62 3.17 14.39
C6 MW9 D . 16.75 2.04 14.90
C7 MW9 D . 16.98 0.72 14.18
C8 MW9 D . 15.87 0.34 13.22
C9 MW9 D . 16.02 0.94 11.84
O1 MW9 D . 19.45 3.97 11.05
O2 MW9 D . 21.87 7.17 12.91
O3 MW9 D . 23.55 5.34 12.65
O4 MW9 D . 24.28 7.69 13.34
O5 MW9 D . 23.08 6.21 14.94
O6 MW9 D . 24.58 3.80 17.72
O7 MW9 D . 23.90 3.48 14.19
O8 MW9 D . 19.69 7.33 10.97
O9 MW9 D . 20.96 7.02 9.14
P MW9 D . 23.28 6.59 13.40
C1 EDO E . -13.30 -0.76 -1.62
O1 EDO E . -12.86 0.09 -0.54
C2 EDO E . -12.57 -0.42 -2.92
O2 EDO E . -12.73 0.96 -3.26
O1 MES F . 5.12 12.31 12.47
C2 MES F . 5.51 10.94 12.53
C3 MES F . 4.41 10.01 12.05
N4 MES F . 3.20 10.37 12.76
C5 MES F . 2.76 11.76 12.67
C6 MES F . 3.93 12.58 13.21
C7 MES F . 2.17 9.34 12.85
C8 MES F . 1.18 9.88 13.88
S MES F . -0.07 8.80 14.12
O1S MES F . -0.73 9.15 15.40
O2S MES F . -1.05 8.92 13.01
O3S MES F . 0.45 7.42 14.21
C1 EDO G . -2.00 -7.22 -10.05
O1 EDO G . -2.05 -6.15 -9.10
C2 EDO G . -2.68 -6.75 -11.32
O2 EDO G . -1.91 -5.72 -11.93
C1 PEG H . 5.12 -15.84 -0.41
O1 PEG H . 5.32 -15.05 0.75
C2 PEG H . 4.30 -15.11 -1.42
O2 PEG H . 3.01 -15.71 -1.58
C3 PEG H . 2.39 -16.10 -0.36
C4 PEG H . 1.12 -16.84 -0.66
O4 PEG H . -0.02 -15.98 -0.67
C1 PEG I . 4.99 5.93 5.84
O1 PEG I . 5.31 7.20 6.40
C2 PEG I . 4.60 5.99 4.40
O2 PEG I . 5.75 5.78 3.57
C3 PEG I . 5.89 4.45 3.08
C4 PEG I . 5.02 4.22 1.90
O4 PEG I . 5.13 5.27 0.94
#